data_7YMK
#
_entry.id   7YMK
#
_cell.length_a   52.481
_cell.length_b   101.480
_cell.length_c   195.807
_cell.angle_alpha   90.000
_cell.angle_beta   90.000
_cell.angle_gamma   90.000
#
_symmetry.space_group_name_H-M   'C 2 2 21'
#
loop_
_entity.id
_entity.type
_entity.pdbx_description
1 polymer 'Estrogen receptor'
2 polymer 'Grip peptide'
3 non-polymer DI(HYDROXYETHYL)ETHER
4 non-polymer N-(4-((1S,4S,6R)-3-(4-hydroxyphenyl)-6-(N-(4-hydroxyphenyl)-N-(2,2,2-trifluoroethyl)sulfamoyl)-7-oxabicyclo[2.2.1]hept-2-en-2-yl)phenyl)-3-methylbut-2-enamide
5 non-polymer 'SULFATE ION'
6 water water
#
loop_
_entity_poly.entity_id
_entity_poly.type
_entity_poly.pdbx_seq_one_letter_code
_entity_poly.pdbx_strand_id
1 'polypeptide(L)'
;AGAGAGAGAGSLALSLTADQMVSALLDAEPPILYSEYDPTRPFSEASMMGLLTNLADRELVHMINWAKRVPGFVDLTLHD
QVHLLESAWLEILMIGLVWRSMEHPGKLLFAPNLLLDRNQGKSVEGMVEIFDMLLATSSRFRMMNLQGEEFVCLKSIILL
NSGVYTFLSSTLKSLEEKDHIHRVLDKITDTLIHLMAKAGLTLQQQHQRLAQLLLILSHIRHMSNKGMEHLYSMKCKNVV
PLSDLLLEMLDAHRLHAPTS
;
A,B
2 'polypeptide(L)' AILHRLLQ C,D
#
loop_
_chem_comp.id
_chem_comp.type
_chem_comp.name
_chem_comp.formula
IX0 non-polymer N-(4-((1S,4S,6R)-3-(4-hydroxyphenyl)-6-(N-(4-hydroxyphenyl)-N-(2,2,2-trifluoroethyl)sulfamoyl)-7-oxabicyclo[2.2.1]hept-2-en-2-yl)phenyl)-3-methylbut-2-enamide 'C31 H29 F3 N2 O6 S'
PEG non-polymer DI(HYDROXYETHYL)ETHER 'C4 H10 O3'
SO4 non-polymer 'SULFATE ION' 'O4 S -2'
#
# COMPACT_ATOMS: atom_id res chain seq x y z
N GLY A 6 29.13 4.26 6.45
CA GLY A 6 27.79 4.23 5.78
C GLY A 6 27.36 2.80 5.47
N ALA A 7 26.28 2.32 6.10
CA ALA A 7 25.74 0.95 5.95
C ALA A 7 25.22 0.76 4.51
N GLY A 8 25.71 -0.28 3.84
CA GLY A 8 25.36 -0.57 2.44
C GLY A 8 26.35 0.03 1.45
N ALA A 9 26.87 1.24 1.68
CA ALA A 9 27.87 1.87 0.79
C ALA A 9 28.87 0.79 0.33
N GLY A 10 28.93 0.52 -0.98
CA GLY A 10 29.80 -0.51 -1.60
C GLY A 10 29.13 -1.87 -1.77
N SER A 11 27.87 -2.02 -1.34
CA SER A 11 27.14 -3.32 -1.36
C SER A 11 27.32 -3.99 -2.72
N LEU A 12 27.43 -5.33 -2.74
CA LEU A 12 27.30 -6.15 -3.97
C LEU A 12 25.91 -5.91 -4.59
N ALA A 13 24.84 -5.88 -3.77
CA ALA A 13 23.43 -5.65 -4.21
C ALA A 13 23.37 -4.56 -5.28
N LEU A 14 24.02 -3.41 -5.04
CA LEU A 14 23.98 -2.23 -5.95
C LEU A 14 24.81 -2.49 -7.22
N SER A 15 25.73 -3.46 -7.20
CA SER A 15 26.60 -3.82 -8.36
C SER A 15 25.90 -4.83 -9.29
N LEU A 16 24.85 -5.52 -8.81
CA LEU A 16 24.27 -6.69 -9.54
C LEU A 16 23.74 -6.19 -10.90
N THR A 17 23.78 -7.02 -11.93
CA THR A 17 22.97 -6.80 -13.14
C THR A 17 21.53 -7.22 -12.80
N ALA A 18 20.55 -6.80 -13.59
CA ALA A 18 19.15 -7.22 -13.46
C ALA A 18 19.10 -8.75 -13.55
N ASP A 19 19.77 -9.37 -14.52
CA ASP A 19 19.80 -10.86 -14.64
C ASP A 19 20.38 -11.45 -13.35
N GLN A 20 21.42 -10.87 -12.75
CA GLN A 20 22.01 -11.44 -11.52
C GLN A 20 21.07 -11.26 -10.29
N MET A 21 20.31 -10.15 -10.26
CA MET A 21 19.35 -9.82 -9.18
C MET A 21 18.19 -10.83 -9.25
N VAL A 22 17.66 -11.11 -10.43
CA VAL A 22 16.61 -12.15 -10.61
C VAL A 22 17.16 -13.51 -10.17
N SER A 23 18.36 -13.87 -10.62
CA SER A 23 19.00 -15.15 -10.22
C SER A 23 19.12 -15.25 -8.70
N ALA A 24 19.60 -14.23 -8.01
CA ALA A 24 19.72 -14.19 -6.53
C ALA A 24 18.34 -14.37 -5.89
N LEU A 25 17.34 -13.66 -6.42
CA LEU A 25 15.97 -13.67 -5.88
C LEU A 25 15.36 -15.08 -6.05
N LEU A 26 15.44 -15.67 -7.24
CA LEU A 26 14.92 -17.05 -7.49
C LEU A 26 15.63 -18.06 -6.56
N ASP A 27 16.96 -17.96 -6.42
CA ASP A 27 17.76 -18.86 -5.55
C ASP A 27 17.32 -18.76 -4.09
N ALA A 28 16.82 -17.59 -3.68
CA ALA A 28 16.43 -17.30 -2.28
C ALA A 28 15.03 -17.87 -1.93
N GLU A 29 14.29 -18.38 -2.89
CA GLU A 29 12.84 -18.69 -2.74
C GLU A 29 12.65 -19.72 -1.62
N PRO A 30 11.64 -19.54 -0.76
CA PRO A 30 11.35 -20.56 0.23
C PRO A 30 10.66 -21.73 -0.44
N PRO A 31 10.56 -22.89 0.23
CA PRO A 31 9.78 -24.02 -0.29
C PRO A 31 8.29 -23.75 -0.13
N ILE A 32 7.50 -24.41 -0.97
CA ILE A 32 6.02 -24.43 -0.88
C ILE A 32 5.63 -25.49 0.16
N LEU A 33 5.09 -25.06 1.28
CA LEU A 33 4.81 -25.93 2.46
C LEU A 33 3.45 -26.56 2.24
N TYR A 34 3.36 -27.86 2.56
CA TYR A 34 2.10 -28.61 2.75
C TYR A 34 1.65 -28.40 4.19
N SER A 35 0.35 -28.31 4.40
CA SER A 35 -0.27 -28.49 5.75
C SER A 35 0.22 -29.84 6.30
N GLU A 36 0.72 -29.85 7.55
CA GLU A 36 1.12 -31.07 8.33
C GLU A 36 -0.13 -31.90 8.67
N TYR A 37 -1.33 -31.32 8.54
CA TYR A 37 -2.63 -31.95 8.84
C TYR A 37 -3.56 -31.79 7.65
N ASP A 38 -4.33 -32.82 7.29
CA ASP A 38 -5.56 -32.64 6.48
C ASP A 38 -6.63 -32.18 7.47
N PRO A 39 -7.54 -31.26 7.07
CA PRO A 39 -8.62 -30.84 7.94
C PRO A 39 -9.85 -31.73 7.75
N THR A 40 -10.52 -32.09 8.85
CA THR A 40 -11.82 -32.81 8.84
C THR A 40 -12.91 -31.81 8.42
N ARG A 41 -13.92 -32.32 7.73
CA ARG A 41 -15.00 -31.52 7.09
C ARG A 41 -16.24 -31.64 7.96
N PRO A 42 -16.86 -30.52 8.42
CA PRO A 42 -16.42 -29.16 8.08
C PRO A 42 -15.40 -28.54 9.05
N PHE A 43 -15.03 -27.30 8.77
CA PHE A 43 -14.16 -26.44 9.60
C PHE A 43 -14.96 -25.87 10.76
N SER A 44 -14.30 -25.70 11.91
CA SER A 44 -14.68 -24.74 12.97
C SER A 44 -13.80 -23.50 12.85
N GLU A 45 -14.17 -22.42 13.52
CA GLU A 45 -13.30 -21.23 13.70
C GLU A 45 -11.92 -21.65 14.23
N ALA A 46 -11.86 -22.55 15.22
CA ALA A 46 -10.64 -22.91 15.98
C ALA A 46 -9.73 -23.80 15.15
N SER A 47 -10.29 -24.71 14.32
CA SER A 47 -9.50 -25.67 13.51
C SER A 47 -8.96 -24.93 12.28
N MET A 48 -9.72 -23.94 11.81
CA MET A 48 -9.35 -23.07 10.65
C MET A 48 -8.17 -22.18 11.06
N MET A 49 -8.35 -21.44 12.13
CA MET A 49 -7.29 -20.54 12.65
C MET A 49 -6.08 -21.39 13.06
N GLY A 50 -6.31 -22.60 13.56
CA GLY A 50 -5.22 -23.53 13.95
C GLY A 50 -4.39 -23.97 12.77
N LEU A 51 -5.02 -24.41 11.69
CA LEU A 51 -4.29 -24.72 10.44
C LEU A 51 -3.54 -23.47 9.98
N LEU A 52 -4.21 -22.32 9.93
CA LEU A 52 -3.62 -21.15 9.24
C LEU A 52 -2.45 -20.64 10.09
N THR A 53 -2.55 -20.72 11.42
CA THR A 53 -1.47 -20.16 12.29
C THR A 53 -0.33 -21.18 12.32
N ASN A 54 -0.63 -22.47 12.22
CA ASN A 54 0.42 -23.51 12.14
C ASN A 54 1.25 -23.30 10.86
N LEU A 55 0.57 -23.17 9.71
CA LEU A 55 1.18 -22.91 8.39
C LEU A 55 2.03 -21.64 8.41
N ALA A 56 1.45 -20.52 8.83
CA ALA A 56 2.14 -19.20 8.83
C ALA A 56 3.41 -19.27 9.71
N ASP A 57 3.33 -19.96 10.83
CA ASP A 57 4.48 -20.21 11.74
C ASP A 57 5.63 -20.88 11.00
N ARG A 58 5.31 -21.93 10.26
CA ARG A 58 6.29 -22.73 9.48
C ARG A 58 6.81 -21.87 8.34
N GLU A 59 5.94 -21.10 7.68
CA GLU A 59 6.38 -20.19 6.58
C GLU A 59 7.31 -19.08 7.13
N LEU A 60 7.03 -18.55 8.32
CA LEU A 60 7.91 -17.54 8.99
C LEU A 60 9.36 -18.03 9.12
N VAL A 61 9.55 -19.27 9.54
CA VAL A 61 10.92 -19.80 9.71
C VAL A 61 11.62 -19.72 8.35
N HIS A 62 10.99 -20.17 7.27
CA HIS A 62 11.59 -20.14 5.92
C HIS A 62 11.70 -18.68 5.46
N MET A 63 10.75 -17.84 5.82
CA MET A 63 10.78 -16.40 5.40
C MET A 63 12.09 -15.77 5.89
N ILE A 64 12.48 -16.03 7.13
CA ILE A 64 13.78 -15.54 7.71
C ILE A 64 14.97 -16.00 6.87
N ASN A 65 14.98 -17.23 6.37
CA ASN A 65 16.11 -17.75 5.55
C ASN A 65 16.17 -16.98 4.22
N TRP A 66 15.01 -16.83 3.58
CA TRP A 66 14.81 -16.07 2.32
C TRP A 66 15.30 -14.65 2.50
N ALA A 67 14.85 -13.98 3.56
CA ALA A 67 15.15 -12.54 3.82
C ALA A 67 16.67 -12.31 3.77
N LYS A 68 17.42 -13.19 4.41
CA LYS A 68 18.92 -13.18 4.47
C LYS A 68 19.56 -13.27 3.08
N ARG A 69 18.87 -13.86 2.10
CA ARG A 69 19.42 -14.15 0.75
C ARG A 69 18.84 -13.15 -0.23
N VAL A 70 18.06 -12.17 0.27
CA VAL A 70 17.60 -11.02 -0.56
C VAL A 70 18.74 -10.01 -0.57
N PRO A 71 19.33 -9.71 -1.73
CA PRO A 71 20.37 -8.67 -1.81
C PRO A 71 19.99 -7.34 -1.15
N GLY A 72 20.90 -6.82 -0.35
CA GLY A 72 20.69 -5.53 0.33
C GLY A 72 20.28 -5.72 1.78
N PHE A 73 19.67 -6.87 2.12
CA PHE A 73 18.96 -7.08 3.40
C PHE A 73 19.96 -7.21 4.56
N VAL A 74 20.90 -8.14 4.47
CA VAL A 74 21.90 -8.36 5.54
C VAL A 74 22.98 -7.28 5.52
N ASP A 75 22.86 -6.23 4.69
CA ASP A 75 23.74 -5.03 4.75
C ASP A 75 23.20 -4.07 5.82
N LEU A 76 21.97 -4.29 6.27
CA LEU A 76 21.32 -3.53 7.36
C LEU A 76 21.79 -4.05 8.71
N THR A 77 21.68 -3.24 9.75
CA THR A 77 21.82 -3.67 11.17
C THR A 77 20.80 -4.77 11.43
N LEU A 78 21.10 -5.60 12.38
CA LEU A 78 20.16 -6.65 12.85
C LEU A 78 18.89 -5.98 13.33
N HIS A 79 19.03 -4.81 13.97
CA HIS A 79 17.93 -3.93 14.43
C HIS A 79 16.96 -3.65 13.27
N ASP A 80 17.48 -3.20 12.13
CA ASP A 80 16.67 -2.75 10.98
C ASP A 80 16.07 -3.99 10.29
N GLN A 81 16.82 -5.09 10.25
CA GLN A 81 16.34 -6.34 9.65
C GLN A 81 15.12 -6.83 10.44
N VAL A 82 15.22 -6.79 11.76
CA VAL A 82 14.09 -7.17 12.66
C VAL A 82 12.88 -6.29 12.32
N HIS A 83 13.09 -4.98 12.20
CA HIS A 83 11.97 -4.02 12.03
C HIS A 83 11.28 -4.28 10.68
N LEU A 84 12.05 -4.56 9.61
CA LEU A 84 11.48 -4.78 8.26
C LEU A 84 10.74 -6.11 8.31
N LEU A 85 11.31 -7.13 8.93
CA LEU A 85 10.57 -8.41 8.91
C LEU A 85 9.29 -8.26 9.73
N GLU A 86 9.36 -7.59 10.88
CA GLU A 86 8.22 -7.27 11.76
C GLU A 86 7.13 -6.56 10.98
N SER A 87 7.51 -5.61 10.12
CA SER A 87 6.53 -4.78 9.37
C SER A 87 5.97 -5.57 8.18
N ALA A 88 6.75 -6.44 7.56
CA ALA A 88 6.45 -6.99 6.22
C ALA A 88 5.82 -8.39 6.26
N TRP A 89 5.91 -9.10 7.40
CA TRP A 89 5.82 -10.58 7.34
C TRP A 89 4.43 -10.97 6.82
N LEU A 90 3.36 -10.26 7.16
CA LEU A 90 2.03 -10.76 6.73
C LEU A 90 1.79 -10.38 5.26
N GLU A 91 2.22 -9.20 4.83
CA GLU A 91 2.20 -8.81 3.40
C GLU A 91 2.97 -9.85 2.61
N ILE A 92 4.10 -10.35 3.12
CA ILE A 92 4.90 -11.35 2.34
C ILE A 92 4.17 -12.69 2.28
N LEU A 93 3.60 -13.15 3.41
CA LEU A 93 2.75 -14.36 3.42
C LEU A 93 1.66 -14.17 2.36
N MET A 94 1.06 -12.99 2.31
CA MET A 94 -0.14 -12.73 1.47
C MET A 94 0.24 -12.67 -0.01
N ILE A 95 1.36 -12.02 -0.38
CA ILE A 95 1.71 -11.94 -1.82
C ILE A 95 2.00 -13.37 -2.28
N GLY A 96 2.64 -14.19 -1.43
CA GLY A 96 2.92 -15.60 -1.75
C GLY A 96 1.63 -16.39 -1.96
N LEU A 97 0.68 -16.23 -1.06
CA LEU A 97 -0.62 -16.94 -1.12
C LEU A 97 -1.30 -16.58 -2.43
N VAL A 98 -1.41 -15.30 -2.76
CA VAL A 98 -2.13 -14.85 -3.98
C VAL A 98 -1.34 -15.32 -5.21
N TRP A 99 -0.02 -15.33 -5.18
CA TRP A 99 0.81 -15.84 -6.31
C TRP A 99 0.49 -17.32 -6.54
N ARG A 100 0.58 -18.13 -5.47
CA ARG A 100 0.30 -19.58 -5.56
C ARG A 100 -1.15 -19.85 -5.95
N SER A 101 -2.09 -18.94 -5.68
CA SER A 101 -3.56 -19.13 -5.90
C SER A 101 -3.99 -18.67 -7.30
N MET A 102 -3.07 -18.11 -8.10
CA MET A 102 -3.41 -17.58 -9.43
C MET A 102 -4.07 -18.67 -10.30
N GLU A 103 -3.54 -19.90 -10.30
CA GLU A 103 -3.99 -20.98 -11.23
C GLU A 103 -5.17 -21.72 -10.60
N HIS A 104 -5.86 -21.13 -9.62
CA HIS A 104 -7.02 -21.76 -8.92
C HIS A 104 -8.06 -20.69 -8.70
N PRO A 105 -8.70 -20.22 -9.78
CA PRO A 105 -9.83 -19.28 -9.71
C PRO A 105 -10.83 -19.56 -8.58
N GLY A 106 -11.25 -18.51 -7.88
CA GLY A 106 -12.22 -18.56 -6.77
C GLY A 106 -11.69 -19.32 -5.56
N LYS A 107 -10.39 -19.62 -5.49
CA LYS A 107 -9.81 -20.41 -4.37
C LYS A 107 -8.44 -19.86 -3.93
N LEU A 108 -8.13 -20.07 -2.65
CA LEU A 108 -6.83 -19.72 -2.04
C LEU A 108 -6.05 -21.01 -1.75
N LEU A 109 -4.95 -21.21 -2.47
CA LEU A 109 -4.01 -22.33 -2.26
C LEU A 109 -3.06 -21.93 -1.13
N PHE A 110 -3.54 -22.05 0.11
CA PHE A 110 -2.70 -21.95 1.32
C PHE A 110 -1.60 -22.99 1.26
N ALA A 111 -1.94 -24.19 0.80
CA ALA A 111 -0.98 -25.30 0.56
C ALA A 111 -1.56 -26.21 -0.51
N PRO A 112 -0.74 -26.97 -1.24
CA PRO A 112 -1.26 -27.86 -2.28
C PRO A 112 -2.41 -28.75 -1.78
N ASN A 113 -2.37 -29.16 -0.50
CA ASN A 113 -3.38 -29.98 0.21
C ASN A 113 -4.24 -29.11 1.13
N LEU A 114 -4.29 -27.79 0.92
CA LEU A 114 -5.23 -26.89 1.64
C LEU A 114 -5.66 -25.74 0.72
N LEU A 115 -6.56 -26.07 -0.20
CA LEU A 115 -7.26 -25.17 -1.12
C LEU A 115 -8.60 -24.83 -0.48
N LEU A 116 -8.86 -23.56 -0.12
CA LEU A 116 -10.13 -23.09 0.46
C LEU A 116 -10.85 -22.16 -0.51
N ASP A 117 -12.19 -22.26 -0.59
CA ASP A 117 -13.06 -21.30 -1.32
C ASP A 117 -13.60 -20.30 -0.30
N ARG A 118 -14.33 -19.28 -0.77
CA ARG A 118 -14.78 -18.14 0.09
C ARG A 118 -15.77 -18.64 1.15
N ASN A 119 -16.59 -19.65 0.85
CA ASN A 119 -17.65 -20.17 1.77
C ASN A 119 -16.97 -20.70 3.04
N GLN A 120 -15.86 -21.41 2.87
CA GLN A 120 -15.09 -22.04 3.97
C GLN A 120 -14.45 -20.94 4.82
N GLY A 121 -14.32 -19.73 4.26
CA GLY A 121 -13.87 -18.52 4.98
C GLY A 121 -14.92 -18.01 5.97
N LYS A 122 -16.20 -18.37 5.80
CA LYS A 122 -17.32 -18.00 6.73
C LYS A 122 -17.13 -18.64 8.12
N SER A 123 -16.47 -19.78 8.21
CA SER A 123 -16.24 -20.54 9.47
C SER A 123 -15.50 -19.68 10.52
N VAL A 124 -14.95 -18.52 10.14
CA VAL A 124 -14.20 -17.58 11.03
C VAL A 124 -14.80 -16.18 10.89
N GLU A 125 -15.09 -15.51 12.01
CA GLU A 125 -15.82 -14.20 12.00
C GLU A 125 -14.90 -13.11 11.40
N GLY A 126 -15.32 -12.52 10.27
CA GLY A 126 -14.62 -11.43 9.56
C GLY A 126 -13.52 -11.92 8.62
N MET A 127 -13.45 -13.24 8.35
CA MET A 127 -12.40 -13.84 7.50
C MET A 127 -12.81 -13.73 6.03
N VAL A 128 -14.11 -13.74 5.76
CA VAL A 128 -14.67 -13.76 4.38
C VAL A 128 -14.25 -12.50 3.63
N GLU A 129 -14.20 -11.34 4.31
CA GLU A 129 -13.84 -10.02 3.72
C GLU A 129 -12.40 -10.10 3.21
N ILE A 130 -11.51 -10.67 4.01
CA ILE A 130 -10.05 -10.80 3.75
C ILE A 130 -9.87 -11.75 2.56
N PHE A 131 -10.52 -12.92 2.58
CA PHE A 131 -10.46 -13.90 1.47
C PHE A 131 -10.89 -13.23 0.18
N ASP A 132 -12.03 -12.51 0.23
CA ASP A 132 -12.54 -11.77 -0.95
C ASP A 132 -11.42 -10.88 -1.48
N MET A 133 -10.73 -10.13 -0.60
CA MET A 133 -9.65 -9.19 -1.02
C MET A 133 -8.45 -9.97 -1.56
N LEU A 134 -8.14 -11.13 -0.96
CA LEU A 134 -7.01 -11.98 -1.42
C LEU A 134 -7.37 -12.54 -2.80
N LEU A 135 -8.59 -13.07 -2.96
CA LEU A 135 -9.09 -13.64 -4.26
C LEU A 135 -8.96 -12.58 -5.37
N ALA A 136 -9.40 -11.35 -5.11
CA ALA A 136 -9.39 -10.24 -6.09
C ALA A 136 -7.92 -9.96 -6.49
N THR A 137 -7.00 -9.99 -5.53
CA THR A 137 -5.56 -9.72 -5.78
C THR A 137 -5.03 -10.82 -6.68
N SER A 138 -5.34 -12.07 -6.34
CA SER A 138 -4.95 -13.26 -7.12
C SER A 138 -5.51 -13.07 -8.52
N SER A 139 -6.78 -12.67 -8.58
CA SER A 139 -7.49 -12.52 -9.87
C SER A 139 -6.87 -11.39 -10.69
N ARG A 140 -6.49 -10.28 -10.08
CA ARG A 140 -5.78 -9.17 -10.78
C ARG A 140 -4.43 -9.68 -11.34
N PHE A 141 -3.66 -10.45 -10.57
CA PHE A 141 -2.35 -10.97 -11.03
C PHE A 141 -2.54 -11.88 -12.23
N ARG A 142 -3.61 -12.69 -12.17
CA ARG A 142 -3.99 -13.62 -13.27
C ARG A 142 -4.32 -12.80 -14.53
N MET A 143 -5.07 -11.70 -14.37
CA MET A 143 -5.46 -10.79 -15.48
C MET A 143 -4.19 -10.27 -16.13
N MET A 144 -3.20 -9.94 -15.30
CA MET A 144 -1.97 -9.19 -15.70
C MET A 144 -0.91 -10.16 -16.21
N ASN A 145 -1.18 -11.46 -16.07
CA ASN A 145 -0.22 -12.53 -16.46
C ASN A 145 1.08 -12.34 -15.67
N LEU A 146 1.01 -12.04 -14.36
CA LEU A 146 2.21 -11.83 -13.50
C LEU A 146 3.15 -13.04 -13.65
N GLN A 147 4.39 -12.79 -14.01
CA GLN A 147 5.46 -13.78 -14.21
C GLN A 147 6.20 -14.00 -12.88
N GLY A 148 6.68 -15.24 -12.66
CA GLY A 148 7.57 -15.66 -11.57
C GLY A 148 8.62 -14.63 -11.21
N GLU A 149 9.40 -14.19 -12.19
CA GLU A 149 10.50 -13.21 -12.01
C GLU A 149 9.96 -11.89 -11.48
N GLU A 150 8.82 -11.44 -11.97
CA GLU A 150 8.17 -10.21 -11.48
C GLU A 150 7.76 -10.40 -10.02
N PHE A 151 7.24 -11.59 -9.68
CA PHE A 151 6.70 -11.87 -8.32
C PHE A 151 7.80 -11.72 -7.28
N VAL A 152 8.97 -12.31 -7.54
CA VAL A 152 10.06 -12.28 -6.53
C VAL A 152 10.58 -10.85 -6.37
N CYS A 153 10.60 -10.08 -7.46
CA CYS A 153 10.94 -8.63 -7.40
C CYS A 153 9.97 -7.92 -6.46
N LEU A 154 8.68 -8.17 -6.62
CA LEU A 154 7.66 -7.45 -5.81
C LEU A 154 7.78 -7.83 -4.33
N LYS A 155 8.04 -9.11 -4.05
CA LYS A 155 8.16 -9.65 -2.66
C LYS A 155 9.38 -9.02 -1.99
N SER A 156 10.44 -8.78 -2.75
CA SER A 156 11.63 -8.07 -2.26
C SER A 156 11.29 -6.61 -1.94
N ILE A 157 10.53 -5.95 -2.80
CA ILE A 157 10.11 -4.54 -2.60
C ILE A 157 9.29 -4.48 -1.31
N ILE A 158 8.33 -5.40 -1.13
CA ILE A 158 7.50 -5.42 0.11
C ILE A 158 8.45 -5.46 1.29
N LEU A 159 9.42 -6.38 1.29
CA LEU A 159 10.37 -6.53 2.41
C LEU A 159 11.02 -5.18 2.74
N LEU A 160 11.65 -4.58 1.72
CA LEU A 160 12.49 -3.37 1.83
C LEU A 160 11.63 -2.13 2.10
N ASN A 161 10.40 -2.07 1.58
CA ASN A 161 9.56 -0.85 1.57
C ASN A 161 8.65 -0.82 2.81
N SER A 162 8.23 -1.93 3.37
CA SER A 162 6.99 -1.81 4.19
C SER A 162 7.26 -1.10 5.53
N GLY A 163 8.49 -1.10 6.01
CA GLY A 163 8.85 -0.42 7.27
C GLY A 163 9.81 0.74 7.10
N VAL A 164 10.09 1.18 5.86
CA VAL A 164 11.16 2.17 5.50
C VAL A 164 10.85 3.60 6.01
N TYR A 165 9.60 3.91 6.43
CA TYR A 165 9.21 5.20 7.10
C TYR A 165 8.37 4.95 8.35
N THR A 166 8.69 3.92 9.15
CA THR A 166 8.02 3.64 10.47
C THR A 166 9.07 3.12 11.47
N ASP A 179 18.60 5.20 3.50
CA ASP A 179 18.79 5.65 2.09
C ASP A 179 19.37 4.51 1.25
N HIS A 180 20.14 3.63 1.87
CA HIS A 180 20.61 2.40 1.22
C HIS A 180 19.41 1.57 0.71
N ILE A 181 18.39 1.43 1.57
CA ILE A 181 17.11 0.73 1.25
C ILE A 181 16.50 1.32 -0.03
N HIS A 182 16.48 2.65 -0.16
CA HIS A 182 16.04 3.39 -1.37
C HIS A 182 16.88 3.00 -2.59
N ARG A 183 18.18 2.81 -2.40
CA ARG A 183 19.12 2.45 -3.51
C ARG A 183 18.88 1.00 -3.94
N VAL A 184 18.56 0.12 -2.99
CA VAL A 184 18.26 -1.29 -3.36
C VAL A 184 16.90 -1.31 -4.06
N LEU A 185 15.90 -0.60 -3.56
CA LEU A 185 14.57 -0.50 -4.23
C LEU A 185 14.75 0.04 -5.64
N ASP A 186 15.55 1.07 -5.83
CA ASP A 186 15.82 1.58 -7.22
C ASP A 186 16.36 0.41 -8.04
N LYS A 187 17.24 -0.40 -7.46
CA LYS A 187 17.88 -1.55 -8.16
C LYS A 187 16.79 -2.55 -8.57
N ILE A 188 15.79 -2.76 -7.71
CA ILE A 188 14.70 -3.71 -8.02
C ILE A 188 13.79 -3.05 -9.05
N THR A 189 13.53 -1.76 -8.98
CA THR A 189 12.74 -1.11 -10.04
C THR A 189 13.42 -1.34 -11.40
N ASP A 190 14.74 -1.14 -11.49
CA ASP A 190 15.52 -1.27 -12.76
C ASP A 190 15.30 -2.69 -13.29
N THR A 191 15.32 -3.67 -12.38
CA THR A 191 15.22 -5.11 -12.72
C THR A 191 13.84 -5.40 -13.31
N LEU A 192 12.77 -4.93 -12.68
CA LEU A 192 11.37 -5.08 -13.20
C LEU A 192 11.27 -4.52 -14.63
N ILE A 193 11.85 -3.35 -14.87
CA ILE A 193 11.70 -2.65 -16.18
C ILE A 193 12.43 -3.49 -17.22
N HIS A 194 13.61 -4.01 -16.90
CA HIS A 194 14.42 -4.90 -17.77
C HIS A 194 13.62 -6.17 -18.13
N LEU A 195 13.03 -6.85 -17.14
CA LEU A 195 12.14 -8.02 -17.38
C LEU A 195 11.05 -7.62 -18.37
N MET A 196 10.51 -6.40 -18.24
CA MET A 196 9.39 -5.97 -19.10
C MET A 196 9.88 -5.66 -20.52
N ALA A 197 11.00 -4.96 -20.65
CA ALA A 197 11.69 -4.68 -21.94
C ALA A 197 12.02 -6.00 -22.65
N LYS A 198 12.57 -7.00 -21.97
CA LYS A 198 13.03 -8.26 -22.65
C LYS A 198 11.83 -9.05 -23.18
N ALA A 199 10.66 -8.91 -22.55
CA ALA A 199 9.41 -9.62 -22.93
C ALA A 199 8.70 -8.85 -24.05
N GLY A 200 9.31 -7.77 -24.57
CA GLY A 200 8.84 -7.01 -25.75
C GLY A 200 7.71 -6.03 -25.47
N LEU A 201 7.52 -5.57 -24.24
CA LEU A 201 6.61 -4.43 -23.90
C LEU A 201 7.29 -3.14 -24.34
N THR A 202 6.56 -2.22 -24.98
CA THR A 202 7.03 -0.84 -25.29
C THR A 202 7.35 -0.14 -23.96
N LEU A 203 8.13 0.94 -23.98
CA LEU A 203 8.39 1.84 -22.81
C LEU A 203 7.07 2.26 -22.17
N GLN A 204 6.04 2.55 -22.98
CA GLN A 204 4.72 3.01 -22.47
C GLN A 204 4.14 1.86 -21.63
N GLN A 205 4.13 0.65 -22.18
CA GLN A 205 3.55 -0.55 -21.54
C GLN A 205 4.35 -0.91 -20.29
N GLN A 206 5.67 -0.68 -20.30
CA GLN A 206 6.58 -0.95 -19.16
C GLN A 206 6.17 -0.05 -17.99
N HIS A 207 6.12 1.27 -18.21
CA HIS A 207 5.88 2.26 -17.13
CA HIS A 207 5.87 2.27 -17.13
C HIS A 207 4.49 2.00 -16.52
N GLN A 208 3.53 1.65 -17.38
CA GLN A 208 2.13 1.38 -17.02
C GLN A 208 2.07 0.11 -16.18
N ARG A 209 2.86 -0.91 -16.55
CA ARG A 209 2.88 -2.21 -15.84
C ARG A 209 3.54 -2.02 -14.46
N LEU A 210 4.69 -1.35 -14.44
CA LEU A 210 5.40 -1.02 -13.18
C LEU A 210 4.39 -0.40 -12.23
N ALA A 211 3.68 0.63 -12.67
CA ALA A 211 2.69 1.37 -11.83
C ALA A 211 1.56 0.43 -11.42
N GLN A 212 1.06 -0.41 -12.32
CA GLN A 212 -0.09 -1.30 -12.00
C GLN A 212 0.33 -2.26 -10.86
N LEU A 213 1.54 -2.83 -10.91
CA LEU A 213 2.01 -3.82 -9.90
C LEU A 213 2.27 -3.11 -8.57
N LEU A 214 2.93 -1.97 -8.63
CA LEU A 214 3.26 -1.18 -7.41
C LEU A 214 1.96 -0.68 -6.77
N LEU A 215 0.93 -0.36 -7.55
CA LEU A 215 -0.36 0.06 -6.96
C LEU A 215 -0.97 -1.11 -6.22
N ILE A 216 -0.82 -2.34 -6.71
CA ILE A 216 -1.35 -3.57 -6.02
C ILE A 216 -0.69 -3.71 -4.64
N LEU A 217 0.57 -3.31 -4.50
CA LEU A 217 1.27 -3.39 -3.20
C LEU A 217 0.52 -2.55 -2.16
N SER A 218 -0.12 -1.43 -2.54
CA SER A 218 -0.88 -0.62 -1.55
C SER A 218 -2.06 -1.45 -1.04
N HIS A 219 -2.62 -2.30 -1.91
CA HIS A 219 -3.75 -3.18 -1.57
C HIS A 219 -3.28 -4.33 -0.68
N ILE A 220 -2.09 -4.88 -0.95
CA ILE A 220 -1.50 -5.93 -0.06
C ILE A 220 -1.26 -5.32 1.32
N ARG A 221 -0.75 -4.10 1.38
CA ARG A 221 -0.55 -3.41 2.68
C ARG A 221 -1.87 -3.33 3.45
N HIS A 222 -2.92 -2.92 2.74
CA HIS A 222 -4.30 -2.77 3.27
C HIS A 222 -4.80 -4.12 3.80
N MET A 223 -4.64 -5.20 3.03
CA MET A 223 -5.11 -6.54 3.50
C MET A 223 -4.30 -6.95 4.73
N SER A 224 -3.04 -6.60 4.76
CA SER A 224 -2.11 -6.93 5.88
C SER A 224 -2.63 -6.27 7.13
N ASN A 225 -3.05 -5.00 7.03
CA ASN A 225 -3.52 -4.20 8.18
C ASN A 225 -4.84 -4.77 8.68
N LYS A 226 -5.75 -5.16 7.80
CA LYS A 226 -7.02 -5.82 8.20
C LYS A 226 -6.71 -7.19 8.82
N GLY A 227 -5.87 -7.99 8.15
CA GLY A 227 -5.34 -9.25 8.69
C GLY A 227 -4.85 -9.10 10.12
N MET A 228 -4.02 -8.09 10.38
CA MET A 228 -3.39 -7.92 11.70
C MET A 228 -4.46 -7.63 12.77
N GLU A 229 -5.50 -6.84 12.44
CA GLU A 229 -6.61 -6.52 13.38
C GLU A 229 -7.31 -7.84 13.74
N HIS A 230 -7.56 -8.65 12.71
CA HIS A 230 -8.15 -10.01 12.81
C HIS A 230 -7.30 -10.86 13.76
N LEU A 231 -5.99 -10.94 13.51
CA LEU A 231 -5.03 -11.75 14.30
C LEU A 231 -4.99 -11.27 15.75
N TYR A 232 -5.17 -9.97 16.01
CA TYR A 232 -5.14 -9.40 17.38
C TYR A 232 -6.45 -9.76 18.08
N SER A 233 -7.57 -9.68 17.38
CA SER A 233 -8.92 -10.06 17.89
C SER A 233 -8.95 -11.57 18.23
N MET A 234 -8.16 -12.38 17.54
CA MET A 234 -8.10 -13.85 17.75
C MET A 234 -7.14 -14.18 18.90
N LYS A 235 -6.10 -13.35 19.11
CA LYS A 235 -5.22 -13.41 20.30
C LYS A 235 -6.08 -13.23 21.57
N CYS A 236 -6.94 -12.22 21.61
CA CYS A 236 -7.76 -11.85 22.80
C CYS A 236 -8.77 -12.97 23.11
N LYS A 237 -9.56 -13.40 22.12
CA LYS A 237 -10.49 -14.56 22.25
C LYS A 237 -9.77 -15.82 22.77
N ASN A 238 -8.44 -15.92 22.69
CA ASN A 238 -7.62 -17.09 23.16
C ASN A 238 -8.07 -18.36 22.43
N VAL A 239 -8.71 -18.21 21.26
CA VAL A 239 -9.38 -19.30 20.49
C VAL A 239 -8.33 -20.37 20.19
N VAL A 240 -7.16 -19.95 19.70
CA VAL A 240 -6.05 -20.86 19.28
C VAL A 240 -4.73 -20.41 19.92
N PRO A 241 -3.89 -21.35 20.36
CA PRO A 241 -2.51 -21.02 20.72
C PRO A 241 -1.79 -20.29 19.57
N LEU A 242 -0.93 -19.36 19.93
CA LEU A 242 0.02 -18.70 19.00
C LEU A 242 1.44 -18.98 19.49
N SER A 243 2.34 -19.31 18.56
CA SER A 243 3.81 -19.43 18.80
C SER A 243 4.36 -18.11 19.37
N ASP A 244 5.46 -18.17 20.12
CA ASP A 244 6.16 -17.01 20.69
C ASP A 244 6.57 -16.09 19.54
N LEU A 245 7.10 -16.66 18.44
CA LEU A 245 7.55 -15.88 17.25
C LEU A 245 6.35 -15.08 16.73
N LEU A 246 5.20 -15.74 16.63
CA LEU A 246 3.97 -15.13 16.09
C LEU A 246 3.45 -14.08 17.06
N LEU A 247 3.55 -14.31 18.37
CA LEU A 247 3.12 -13.29 19.39
C LEU A 247 4.01 -12.05 19.31
N GLU A 248 5.30 -12.24 18.98
CA GLU A 248 6.26 -11.11 18.84
C GLU A 248 5.87 -10.26 17.63
N MET A 249 5.63 -10.92 16.51
CA MET A 249 5.24 -10.27 15.23
C MET A 249 4.02 -9.38 15.45
N LEU A 250 3.02 -9.91 16.16
CA LEU A 250 1.75 -9.22 16.49
C LEU A 250 2.03 -8.02 17.38
N ASP A 251 2.84 -8.19 18.43
CA ASP A 251 3.14 -7.10 19.40
C ASP A 251 3.79 -5.93 18.65
N ALA A 252 4.60 -6.19 17.63
CA ALA A 252 5.34 -5.16 16.86
C ALA A 252 4.37 -4.19 16.19
N HIS A 253 3.18 -4.65 15.77
CA HIS A 253 2.11 -3.80 15.16
C HIS A 253 1.22 -3.16 16.25
N ARG A 254 1.07 -3.80 17.43
CA ARG A 254 0.12 -3.41 18.50
C ARG A 254 -1.31 -3.62 17.97
N ALA B 1 13.66 -11.83 22.30
CA ALA B 1 13.16 -11.59 20.92
C ALA B 1 13.77 -12.62 19.98
N ILE B 2 12.94 -13.56 19.54
CA ILE B 2 13.31 -14.74 18.69
C ILE B 2 13.92 -14.26 17.36
N LEU B 3 13.35 -13.20 16.80
CA LEU B 3 13.68 -12.78 15.42
C LEU B 3 15.13 -12.31 15.36
N HIS B 4 15.62 -11.59 16.37
CA HIS B 4 17.04 -11.22 16.54
C HIS B 4 17.94 -12.47 16.52
N ARG B 5 17.56 -13.51 17.25
CA ARG B 5 18.38 -14.74 17.34
C ARG B 5 18.33 -15.46 15.99
N LEU B 6 17.14 -15.54 15.38
CA LEU B 6 16.93 -16.29 14.11
C LEU B 6 17.62 -15.55 12.96
N LEU B 7 17.84 -14.23 13.05
CA LEU B 7 18.37 -13.39 11.95
C LEU B 7 19.89 -13.28 11.96
N GLN B 8 20.50 -13.24 13.15
CA GLN B 8 21.98 -13.15 13.30
C GLN B 8 22.66 -14.25 12.46
N GLY C 10 -16.74 5.57 -23.60
CA GLY C 10 -15.65 6.27 -24.32
C GLY C 10 -15.31 7.55 -23.59
N SER C 11 -14.65 7.43 -22.42
CA SER C 11 -14.39 8.55 -21.48
C SER C 11 -13.49 9.61 -22.10
N LEU C 12 -13.81 10.89 -21.87
CA LEU C 12 -12.98 12.04 -22.33
C LEU C 12 -11.69 12.05 -21.52
N ALA C 13 -11.65 11.39 -20.35
CA ALA C 13 -10.37 11.25 -19.62
C ALA C 13 -9.35 10.60 -20.57
N LEU C 14 -9.79 9.70 -21.45
CA LEU C 14 -8.86 8.87 -22.28
C LEU C 14 -8.25 9.64 -23.45
N SER C 15 -8.81 10.76 -23.92
CA SER C 15 -8.27 11.51 -25.08
C SER C 15 -7.38 12.68 -24.64
N LEU C 16 -7.32 13.01 -23.35
CA LEU C 16 -6.50 14.13 -22.83
C LEU C 16 -5.03 13.90 -23.19
N THR C 17 -4.26 14.96 -23.47
CA THR C 17 -2.76 14.89 -23.49
C THR C 17 -2.24 14.92 -22.05
N ALA C 18 -0.96 14.61 -21.88
CA ALA C 18 -0.23 14.78 -20.60
C ALA C 18 -0.51 16.17 -20.04
N ASP C 19 -0.19 17.22 -20.81
CA ASP C 19 -0.37 18.65 -20.43
C ASP C 19 -1.80 18.94 -19.99
N GLN C 20 -2.80 18.42 -20.71
CA GLN C 20 -4.24 18.71 -20.44
C GLN C 20 -4.73 17.93 -19.22
N MET C 21 -4.09 16.81 -18.88
CA MET C 21 -4.39 16.06 -17.62
C MET C 21 -3.85 16.91 -16.46
N VAL C 22 -2.61 17.41 -16.58
CA VAL C 22 -1.98 18.27 -15.53
C VAL C 22 -2.88 19.48 -15.31
N SER C 23 -3.13 20.24 -16.40
CA SER C 23 -4.03 21.44 -16.42
C SER C 23 -5.34 21.11 -15.71
N ALA C 24 -5.99 20.00 -16.03
CA ALA C 24 -7.32 19.64 -15.45
C ALA C 24 -7.21 19.31 -13.96
N LEU C 25 -6.09 18.73 -13.51
CA LEU C 25 -5.91 18.37 -12.08
C LEU C 25 -5.54 19.61 -11.28
N LEU C 26 -4.72 20.51 -11.85
CA LEU C 26 -4.41 21.82 -11.24
C LEU C 26 -5.69 22.63 -11.04
N ASP C 27 -6.56 22.72 -12.06
CA ASP C 27 -7.78 23.58 -11.99
C ASP C 27 -8.81 22.97 -11.01
N ALA C 28 -8.74 21.67 -10.70
CA ALA C 28 -9.71 21.00 -9.79
C ALA C 28 -9.35 21.22 -8.30
N GLU C 29 -8.13 21.62 -7.99
CA GLU C 29 -7.66 21.74 -6.56
C GLU C 29 -8.72 22.44 -5.71
N PRO C 30 -9.07 21.95 -4.50
CA PRO C 30 -10.11 22.60 -3.71
C PRO C 30 -9.49 23.87 -3.14
N PRO C 31 -10.28 24.77 -2.54
CA PRO C 31 -9.73 25.97 -1.93
C PRO C 31 -8.89 25.73 -0.66
N ILE C 32 -7.87 26.57 -0.46
CA ILE C 32 -7.13 26.78 0.83
C ILE C 32 -8.17 27.01 1.92
N LEU C 33 -8.21 26.18 2.94
CA LEU C 33 -9.12 26.39 4.09
C LEU C 33 -8.28 26.88 5.25
N TYR C 34 -8.83 27.79 6.06
CA TYR C 34 -8.27 28.23 7.35
C TYR C 34 -9.07 27.54 8.45
N SER C 35 -8.42 27.27 9.57
CA SER C 35 -9.10 26.81 10.80
C SER C 35 -10.03 27.94 11.25
N GLU C 36 -11.28 27.61 11.55
CA GLU C 36 -12.39 28.52 11.96
C GLU C 36 -12.92 28.13 13.35
N TYR C 37 -12.57 26.92 13.82
CA TYR C 37 -12.83 26.42 15.20
C TYR C 37 -12.10 27.35 16.18
N ASP C 38 -12.78 27.68 17.29
CA ASP C 38 -12.30 28.67 18.30
C ASP C 38 -11.04 28.12 18.98
N PRO C 39 -9.90 28.88 18.93
CA PRO C 39 -8.67 28.46 19.59
C PRO C 39 -8.61 28.72 21.10
N THR C 40 -9.69 29.27 21.70
CA THR C 40 -9.86 29.54 23.17
C THR C 40 -9.48 28.30 23.98
N ARG C 41 -10.05 27.14 23.62
CA ARG C 41 -10.22 25.94 24.49
C ARG C 41 -8.86 25.41 24.93
N PRO C 42 -8.70 25.03 26.22
CA PRO C 42 -7.47 24.40 26.68
C PRO C 42 -7.33 23.08 25.90
N PHE C 43 -6.12 22.80 25.40
CA PHE C 43 -5.78 21.52 24.71
C PHE C 43 -6.28 20.35 25.56
N SER C 44 -6.88 19.36 24.89
CA SER C 44 -7.63 18.24 25.51
C SER C 44 -8.18 17.34 24.38
N GLU C 45 -8.42 16.06 24.68
CA GLU C 45 -8.96 15.09 23.70
C GLU C 45 -10.05 15.79 22.87
N ALA C 46 -11.10 16.30 23.53
CA ALA C 46 -12.31 16.90 22.92
C ALA C 46 -11.95 18.03 21.95
N SER C 47 -11.00 18.90 22.31
CA SER C 47 -10.74 20.18 21.61
C SER C 47 -9.86 19.94 20.38
N MET C 48 -8.82 19.13 20.53
CA MET C 48 -7.92 18.72 19.42
C MET C 48 -8.76 17.99 18.35
N MET C 49 -9.65 17.09 18.77
CA MET C 49 -10.57 16.38 17.85
C MET C 49 -11.59 17.34 17.24
N GLY C 50 -12.07 18.33 18.01
CA GLY C 50 -12.97 19.40 17.52
C GLY C 50 -12.29 20.21 16.42
N LEU C 51 -11.06 20.64 16.67
CA LEU C 51 -10.14 21.30 15.72
C LEU C 51 -10.14 20.55 14.38
N LEU C 52 -9.71 19.29 14.43
CA LEU C 52 -9.33 18.52 13.20
C LEU C 52 -10.58 18.00 12.51
N THR C 53 -11.59 17.60 13.29
CA THR C 53 -12.92 17.16 12.80
C THR C 53 -13.56 18.29 12.01
N ASN C 54 -13.52 19.48 12.58
CA ASN C 54 -14.18 20.68 12.02
C ASN C 54 -13.51 20.98 10.69
N LEU C 55 -12.18 20.99 10.69
CA LEU C 55 -11.39 21.26 9.46
C LEU C 55 -11.66 20.12 8.45
N ALA C 56 -11.59 18.87 8.91
CA ALA C 56 -11.68 17.67 8.06
C ALA C 56 -13.06 17.64 7.36
N ASP C 57 -14.15 17.85 8.10
CA ASP C 57 -15.53 17.89 7.56
C ASP C 57 -15.64 18.95 6.46
N ARG C 58 -14.95 20.09 6.61
CA ARG C 58 -15.05 21.22 5.64
C ARG C 58 -14.22 20.85 4.41
N GLU C 59 -13.06 20.24 4.60
CA GLU C 59 -12.23 19.68 3.52
C GLU C 59 -13.02 18.63 2.74
N LEU C 60 -13.83 17.80 3.43
CA LEU C 60 -14.59 16.69 2.80
C LEU C 60 -15.60 17.27 1.80
N VAL C 61 -16.24 18.38 2.14
CA VAL C 61 -17.23 19.05 1.26
C VAL C 61 -16.51 19.49 -0.02
N HIS C 62 -15.33 20.10 0.10
CA HIS C 62 -14.55 20.60 -1.06
C HIS C 62 -14.01 19.41 -1.86
N MET C 63 -13.80 18.26 -1.18
CA MET C 63 -13.21 17.05 -1.81
C MET C 63 -14.20 16.44 -2.81
N ILE C 64 -15.47 16.40 -2.44
CA ILE C 64 -16.57 15.94 -3.32
C ILE C 64 -16.53 16.74 -4.61
N ASN C 65 -16.30 18.05 -4.55
CA ASN C 65 -16.37 18.91 -5.75
C ASN C 65 -15.10 18.70 -6.56
N TRP C 66 -13.97 18.44 -5.87
CA TRP C 66 -12.67 18.16 -6.53
C TRP C 66 -12.79 16.82 -7.28
N ALA C 67 -13.40 15.82 -6.67
CA ALA C 67 -13.49 14.45 -7.20
C ALA C 67 -14.21 14.50 -8.55
N LYS C 68 -15.36 15.17 -8.56
CA LYS C 68 -16.18 15.37 -9.78
C LYS C 68 -15.32 15.96 -10.90
N ARG C 69 -14.22 16.64 -10.61
CA ARG C 69 -13.35 17.27 -11.65
C ARG C 69 -12.16 16.38 -12.00
N VAL C 70 -11.97 15.25 -11.30
CA VAL C 70 -10.85 14.32 -11.62
C VAL C 70 -11.25 13.58 -12.88
N PRO C 71 -10.52 13.76 -13.99
CA PRO C 71 -10.82 13.07 -15.24
C PRO C 71 -11.10 11.59 -14.93
N GLY C 72 -12.30 11.13 -15.29
CA GLY C 72 -12.70 9.72 -15.29
C GLY C 72 -13.70 9.47 -14.21
N PHE C 73 -13.72 10.30 -13.18
CA PHE C 73 -14.44 9.96 -11.92
C PHE C 73 -15.95 9.99 -12.17
N VAL C 74 -16.45 10.97 -12.93
CA VAL C 74 -17.93 11.10 -13.16
C VAL C 74 -18.42 10.01 -14.13
N ASP C 75 -17.57 9.49 -15.01
CA ASP C 75 -17.95 8.37 -15.90
C ASP C 75 -18.46 7.18 -15.06
N LEU C 76 -18.12 7.11 -13.78
CA LEU C 76 -18.51 5.97 -12.92
C LEU C 76 -19.96 6.15 -12.50
N THR C 77 -20.61 5.08 -12.08
CA THR C 77 -21.94 5.13 -11.43
C THR C 77 -21.79 5.98 -10.17
N LEU C 78 -22.92 6.33 -9.55
CA LEU C 78 -22.97 7.16 -8.32
C LEU C 78 -22.52 6.32 -7.11
N HIS C 79 -22.97 5.07 -7.00
CA HIS C 79 -22.61 4.19 -5.86
C HIS C 79 -21.11 3.89 -5.91
N ASP C 80 -20.48 3.88 -7.10
CA ASP C 80 -19.04 3.57 -7.26
C ASP C 80 -18.22 4.80 -6.85
N GLN C 81 -18.62 5.97 -7.34
CA GLN C 81 -18.09 7.29 -6.95
C GLN C 81 -18.05 7.39 -5.41
N VAL C 82 -19.15 6.98 -4.76
CA VAL C 82 -19.33 7.01 -3.29
C VAL C 82 -18.33 6.03 -2.67
N HIS C 83 -18.23 4.83 -3.21
CA HIS C 83 -17.35 3.78 -2.64
C HIS C 83 -15.91 4.28 -2.66
N LEU C 84 -15.49 4.86 -3.79
CA LEU C 84 -14.11 5.37 -3.95
C LEU C 84 -13.86 6.42 -2.86
N LEU C 85 -14.75 7.42 -2.71
CA LEU C 85 -14.53 8.50 -1.71
C LEU C 85 -14.52 7.92 -0.29
N GLU C 86 -15.45 7.01 0.02
CA GLU C 86 -15.54 6.30 1.33
C GLU C 86 -14.18 5.64 1.64
N SER C 87 -13.59 5.04 0.62
CA SER C 87 -12.34 4.25 0.72
C SER C 87 -11.12 5.18 0.74
N ALA C 88 -11.10 6.28 -0.02
CA ALA C 88 -9.88 7.12 -0.21
C ALA C 88 -9.83 8.40 0.66
N TRP C 89 -10.86 8.77 1.43
CA TRP C 89 -11.00 10.19 1.89
C TRP C 89 -9.89 10.54 2.89
N LEU C 90 -9.63 9.70 3.90
CA LEU C 90 -8.54 9.95 4.87
C LEU C 90 -7.20 9.94 4.14
N GLU C 91 -6.99 9.02 3.20
CA GLU C 91 -5.75 9.02 2.40
C GLU C 91 -5.56 10.38 1.71
N ILE C 92 -6.64 10.92 1.13
CA ILE C 92 -6.63 12.21 0.39
C ILE C 92 -6.35 13.34 1.38
N LEU C 93 -6.99 13.34 2.56
CA LEU C 93 -6.72 14.42 3.54
C LEU C 93 -5.23 14.36 3.91
N MET C 94 -4.70 13.17 4.14
CA MET C 94 -3.30 12.98 4.58
C MET C 94 -2.33 13.39 3.49
N ILE C 95 -2.52 12.98 2.25
CA ILE C 95 -1.50 13.37 1.22
C ILE C 95 -1.49 14.89 1.12
N GLY C 96 -2.64 15.56 1.24
CA GLY C 96 -2.67 17.03 1.16
C GLY C 96 -1.86 17.65 2.27
N LEU C 97 -2.07 17.13 3.49
CA LEU C 97 -1.36 17.59 4.71
C LEU C 97 0.16 17.46 4.48
N VAL C 98 0.64 16.30 4.04
CA VAL C 98 2.11 16.04 3.89
C VAL C 98 2.61 16.97 2.78
N TRP C 99 1.81 17.22 1.76
CA TRP C 99 2.17 18.16 0.68
C TRP C 99 2.37 19.57 1.28
N ARG C 100 1.34 20.11 1.90
CA ARG C 100 1.38 21.47 2.51
C ARG C 100 2.51 21.56 3.54
N SER C 101 2.91 20.44 4.14
CA SER C 101 3.77 20.40 5.35
C SER C 101 5.24 20.27 4.95
N MET C 102 5.55 20.24 3.65
CA MET C 102 6.90 19.92 3.13
C MET C 102 7.96 20.92 3.61
N GLU C 103 7.71 22.22 3.46
CA GLU C 103 8.74 23.28 3.71
C GLU C 103 8.76 23.68 5.20
N HIS C 104 8.09 22.91 6.07
CA HIS C 104 7.91 23.19 7.52
C HIS C 104 8.39 22.00 8.35
N PRO C 105 9.71 21.68 8.37
CA PRO C 105 10.20 20.50 9.06
C PRO C 105 9.73 20.47 10.52
N GLY C 106 9.40 19.28 11.02
CA GLY C 106 8.97 19.06 12.41
C GLY C 106 7.56 19.52 12.68
N LYS C 107 6.84 20.00 11.66
CA LYS C 107 5.44 20.47 11.84
C LYS C 107 4.53 19.96 10.71
N LEU C 108 3.24 19.84 11.04
CA LEU C 108 2.12 19.58 10.11
C LEU C 108 1.28 20.86 9.94
N LEU C 109 1.30 21.44 8.73
CA LEU C 109 0.49 22.63 8.33
C LEU C 109 -0.92 22.14 7.93
N PHE C 110 -1.77 21.82 8.91
CA PHE C 110 -3.20 21.47 8.73
C PHE C 110 -3.93 22.58 7.98
N ALA C 111 -3.67 23.84 8.33
CA ALA C 111 -4.15 25.06 7.66
C ALA C 111 -3.13 26.19 7.88
N PRO C 112 -3.08 27.25 7.03
CA PRO C 112 -2.09 28.31 7.21
C PRO C 112 -2.08 28.95 8.61
N ASN C 113 -3.22 28.92 9.33
CA ASN C 113 -3.34 29.38 10.74
C ASN C 113 -3.44 28.18 11.71
N LEU C 114 -2.85 27.03 11.37
CA LEU C 114 -2.89 25.82 12.26
C LEU C 114 -1.69 24.96 11.90
N LEU C 115 -0.55 25.35 12.44
CA LEU C 115 0.74 24.65 12.32
C LEU C 115 0.99 23.98 13.68
N LEU C 116 0.98 22.64 13.72
CA LEU C 116 1.23 21.84 14.94
C LEU C 116 2.54 21.06 14.80
N ASP C 117 3.24 20.82 15.90
CA ASP C 117 4.33 19.81 15.93
C ASP C 117 3.78 18.58 16.65
N ARG C 118 4.51 17.45 16.63
CA ARG C 118 4.01 16.11 17.04
C ARG C 118 3.53 16.11 18.49
N ASN C 119 4.04 17.02 19.34
CA ASN C 119 3.74 17.00 20.80
C ASN C 119 2.23 17.29 21.02
N GLN C 120 1.64 18.21 20.26
CA GLN C 120 0.17 18.48 20.32
C GLN C 120 -0.61 17.17 20.08
N GLY C 121 -0.03 16.22 19.35
CA GLY C 121 -0.59 14.87 19.12
C GLY C 121 -0.81 14.12 20.42
N LYS C 122 0.09 14.29 21.40
CA LYS C 122 0.09 13.59 22.72
C LYS C 122 -1.33 13.60 23.32
N SER C 123 -2.10 14.66 23.08
CA SER C 123 -3.46 14.84 23.63
C SER C 123 -4.29 13.55 23.48
N VAL C 124 -4.55 13.10 22.24
CA VAL C 124 -5.46 11.97 21.89
C VAL C 124 -4.65 10.66 21.77
N GLU C 125 -5.32 9.53 21.95
CA GLU C 125 -4.76 8.15 21.94
C GLU C 125 -4.15 7.87 20.56
N GLY C 126 -2.84 7.64 20.51
CA GLY C 126 -2.11 7.16 19.32
C GLY C 126 -2.22 8.08 18.11
N MET C 127 -2.48 9.38 18.30
CA MET C 127 -2.45 10.40 17.22
C MET C 127 -0.97 10.77 16.95
N VAL C 128 -0.16 10.78 18.01
CA VAL C 128 1.31 11.05 17.92
C VAL C 128 1.98 10.05 16.97
N GLU C 129 1.62 8.76 17.03
CA GLU C 129 2.12 7.70 16.12
C GLU C 129 1.89 8.18 14.68
N ILE C 130 0.62 8.48 14.36
CA ILE C 130 0.18 8.96 13.02
C ILE C 130 0.97 10.23 12.64
N PHE C 131 1.16 11.18 13.57
CA PHE C 131 1.83 12.47 13.28
C PHE C 131 3.27 12.21 12.81
N ASP C 132 3.97 11.28 13.45
CA ASP C 132 5.39 10.97 13.13
C ASP C 132 5.47 10.32 11.75
N MET C 133 4.51 9.45 11.45
CA MET C 133 4.37 8.84 10.10
C MET C 133 4.11 9.98 9.10
N LEU C 134 3.19 10.89 9.42
CA LEU C 134 2.85 12.00 8.50
C LEU C 134 4.09 12.89 8.30
N LEU C 135 4.75 13.23 9.40
CA LEU C 135 6.02 14.00 9.40
C LEU C 135 7.08 13.29 8.54
N ALA C 136 7.31 11.99 8.73
CA ALA C 136 8.30 11.24 7.93
C ALA C 136 7.88 11.29 6.46
N THR C 137 6.60 11.08 6.15
CA THR C 137 6.11 11.11 4.76
C THR C 137 6.45 12.47 4.17
N SER C 138 6.17 13.54 4.90
CA SER C 138 6.41 14.93 4.45
C SER C 138 7.92 15.15 4.20
N SER C 139 8.80 14.69 5.10
CA SER C 139 10.28 14.75 4.93
C SER C 139 10.70 14.12 3.59
N ARG C 140 10.21 12.91 3.34
CA ARG C 140 10.55 12.13 2.13
C ARG C 140 10.09 12.92 0.90
N PHE C 141 8.87 13.46 0.89
CA PHE C 141 8.42 14.38 -0.20
C PHE C 141 9.41 15.55 -0.35
N ARG C 142 9.87 16.16 0.77
CA ARG C 142 10.86 17.29 0.73
C ARG C 142 12.14 16.84 0.04
N MET C 143 12.80 15.81 0.56
CA MET C 143 14.08 15.27 0.02
C MET C 143 13.96 14.94 -1.47
N MET C 144 12.80 14.47 -1.92
CA MET C 144 12.50 14.12 -3.34
C MET C 144 12.14 15.37 -4.15
N ASN C 145 11.93 16.51 -3.48
CA ASN C 145 11.48 17.76 -4.13
C ASN C 145 10.27 17.47 -5.04
N LEU C 146 9.23 16.83 -4.48
CA LEU C 146 7.96 16.55 -5.16
C LEU C 146 7.39 17.86 -5.70
N GLN C 147 7.00 17.89 -6.97
CA GLN C 147 6.34 19.05 -7.61
C GLN C 147 4.83 18.99 -7.39
N GLY C 148 4.20 20.15 -7.38
CA GLY C 148 2.72 20.34 -7.43
C GLY C 148 2.02 19.46 -8.45
N GLU C 149 2.61 19.30 -9.64
CA GLU C 149 2.03 18.59 -10.80
C GLU C 149 2.04 17.05 -10.57
N GLU C 150 3.05 16.55 -9.85
CA GLU C 150 3.17 15.14 -9.41
C GLU C 150 2.18 14.88 -8.26
N PHE C 151 2.13 15.81 -7.32
CA PHE C 151 1.25 15.71 -6.13
C PHE C 151 -0.19 15.48 -6.60
N VAL C 152 -0.70 16.29 -7.52
CA VAL C 152 -2.13 16.19 -7.97
C VAL C 152 -2.33 14.85 -8.72
N CYS C 153 -1.30 14.34 -9.40
CA CYS C 153 -1.40 13.01 -10.06
C CYS C 153 -1.55 11.95 -8.97
N LEU C 154 -0.71 12.01 -7.92
CA LEU C 154 -0.72 11.00 -6.82
C LEU C 154 -2.10 11.06 -6.16
N LYS C 155 -2.60 12.27 -5.91
CA LYS C 155 -3.88 12.45 -5.20
C LYS C 155 -5.00 11.80 -6.02
N SER C 156 -4.96 11.85 -7.35
CA SER C 156 -6.02 11.27 -8.23
C SER C 156 -5.89 9.75 -8.29
N ILE C 157 -4.66 9.27 -8.30
CA ILE C 157 -4.35 7.81 -8.14
C ILE C 157 -4.95 7.28 -6.82
N ILE C 158 -4.90 8.04 -5.75
CA ILE C 158 -5.45 7.55 -4.46
C ILE C 158 -6.97 7.38 -4.58
N LEU C 159 -7.67 8.40 -5.06
CA LEU C 159 -9.15 8.39 -5.27
C LEU C 159 -9.57 7.16 -6.11
N LEU C 160 -8.95 6.93 -7.25
CA LEU C 160 -9.30 5.88 -8.25
C LEU C 160 -8.82 4.50 -7.79
N ASN C 161 -7.75 4.41 -6.99
CA ASN C 161 -7.10 3.12 -6.62
C ASN C 161 -7.57 2.55 -5.28
N SER C 162 -7.84 3.35 -4.26
CA SER C 162 -7.91 2.80 -2.88
C SER C 162 -9.07 1.83 -2.74
N GLY C 163 -10.17 2.06 -3.45
CA GLY C 163 -11.41 1.28 -3.34
C GLY C 163 -11.62 0.33 -4.52
N VAL C 164 -10.73 0.29 -5.52
CA VAL C 164 -10.98 -0.50 -6.76
C VAL C 164 -11.07 -2.02 -6.45
N TYR C 165 -10.41 -2.52 -5.39
CA TYR C 165 -10.35 -3.98 -5.11
C TYR C 165 -11.36 -4.34 -4.02
N THR C 166 -12.27 -3.43 -3.64
CA THR C 166 -13.31 -3.66 -2.60
C THR C 166 -14.70 -3.25 -3.12
N PHE C 167 -15.01 -3.47 -4.41
CA PHE C 167 -16.40 -3.50 -4.94
C PHE C 167 -16.99 -4.88 -4.61
N SER C 170 -20.43 -7.90 -7.44
CA SER C 170 -19.63 -8.18 -8.67
C SER C 170 -20.57 -8.54 -9.84
N THR C 171 -20.57 -7.69 -10.87
CA THR C 171 -21.56 -7.63 -11.96
C THR C 171 -20.81 -7.40 -13.27
N LEU C 172 -21.48 -7.59 -14.40
CA LEU C 172 -20.94 -7.17 -15.72
C LEU C 172 -20.45 -5.73 -15.55
N LYS C 173 -21.34 -4.87 -15.02
CA LYS C 173 -21.14 -3.40 -14.90
C LYS C 173 -19.84 -3.11 -14.13
N SER C 174 -19.67 -3.71 -12.95
CA SER C 174 -18.47 -3.60 -12.06
C SER C 174 -17.20 -3.89 -12.85
N LEU C 175 -17.18 -4.93 -13.69
CA LEU C 175 -15.97 -5.24 -14.49
C LEU C 175 -15.68 -4.01 -15.37
N GLU C 176 -16.66 -3.49 -16.08
CA GLU C 176 -16.48 -2.29 -16.96
C GLU C 176 -15.90 -1.11 -16.14
N GLU C 177 -16.46 -0.85 -14.97
CA GLU C 177 -16.05 0.24 -14.04
C GLU C 177 -14.57 0.06 -13.62
N LYS C 178 -14.15 -1.17 -13.32
CA LYS C 178 -12.74 -1.49 -12.98
C LYS C 178 -11.87 -1.22 -14.22
N ASP C 179 -12.26 -1.73 -15.38
CA ASP C 179 -11.53 -1.50 -16.65
C ASP C 179 -11.34 0.00 -16.90
N HIS C 180 -12.43 0.77 -16.84
CA HIS C 180 -12.43 2.26 -16.99
C HIS C 180 -11.32 2.84 -16.07
N ILE C 181 -11.39 2.52 -14.79
CA ILE C 181 -10.49 3.11 -13.75
C ILE C 181 -9.04 2.81 -14.10
N HIS C 182 -8.78 1.58 -14.57
CA HIS C 182 -7.43 1.07 -14.91
C HIS C 182 -6.91 1.82 -16.11
N ARG C 183 -7.76 2.12 -17.09
CA ARG C 183 -7.41 3.01 -18.24
C ARG C 183 -6.99 4.40 -17.73
N VAL C 184 -7.71 4.98 -16.76
CA VAL C 184 -7.46 6.37 -16.29
C VAL C 184 -6.11 6.38 -15.55
N LEU C 185 -5.89 5.43 -14.63
CA LEU C 185 -4.58 5.24 -13.94
C LEU C 185 -3.45 5.13 -14.97
N ASP C 186 -3.63 4.31 -16.00
CA ASP C 186 -2.61 4.19 -17.07
C ASP C 186 -2.31 5.59 -17.58
N LYS C 187 -3.35 6.41 -17.80
CA LYS C 187 -3.23 7.79 -18.35
C LYS C 187 -2.49 8.68 -17.36
N ILE C 188 -2.87 8.58 -16.08
CA ILE C 188 -2.16 9.34 -15.01
C ILE C 188 -0.69 8.89 -14.94
N THR C 189 -0.39 7.61 -15.16
CA THR C 189 1.01 7.10 -15.19
C THR C 189 1.77 7.73 -16.37
N ASP C 190 1.20 7.69 -17.55
CA ASP C 190 1.70 8.37 -18.76
C ASP C 190 2.02 9.83 -18.42
N THR C 191 1.11 10.51 -17.73
CA THR C 191 1.27 11.93 -17.33
C THR C 191 2.46 12.08 -16.38
N LEU C 192 2.53 11.28 -15.31
CA LEU C 192 3.65 11.40 -14.34
C LEU C 192 4.99 11.26 -15.06
N ILE C 193 5.06 10.32 -15.99
CA ILE C 193 6.28 10.07 -16.80
C ILE C 193 6.56 11.29 -17.68
N HIS C 194 5.58 11.79 -18.44
CA HIS C 194 5.74 13.00 -19.30
C HIS C 194 6.40 14.12 -18.49
N LEU C 195 5.84 14.46 -17.32
CA LEU C 195 6.35 15.52 -16.41
C LEU C 195 7.84 15.28 -16.15
N MET C 196 8.22 14.04 -15.89
CA MET C 196 9.58 13.70 -15.40
C MET C 196 10.57 13.87 -16.56
N ALA C 197 10.16 13.47 -17.76
CA ALA C 197 10.95 13.54 -19.00
C ALA C 197 11.11 15.03 -19.35
N LYS C 198 10.02 15.80 -19.21
CA LYS C 198 9.99 17.28 -19.36
C LYS C 198 11.14 17.87 -18.54
N ALA C 199 11.19 17.54 -17.25
CA ALA C 199 12.19 18.08 -16.28
C ALA C 199 13.59 17.49 -16.54
N GLY C 200 13.76 16.65 -17.57
CA GLY C 200 15.07 16.18 -18.05
C GLY C 200 15.64 15.03 -17.24
N LEU C 201 14.79 14.21 -16.61
CA LEU C 201 15.24 12.95 -15.97
C LEU C 201 15.47 11.91 -17.08
N THR C 202 16.50 11.08 -16.95
CA THR C 202 16.73 9.95 -17.91
C THR C 202 15.57 8.96 -17.77
N LEU C 203 15.46 8.02 -18.71
CA LEU C 203 14.42 6.97 -18.62
C LEU C 203 14.59 6.24 -17.27
N GLN C 204 15.81 5.83 -16.94
CA GLN C 204 16.13 5.12 -15.68
C GLN C 204 15.57 5.94 -14.52
N GLN C 205 15.85 7.24 -14.51
CA GLN C 205 15.44 8.16 -13.43
C GLN C 205 13.92 8.26 -13.38
N GLN C 206 13.27 8.26 -14.52
CA GLN C 206 11.79 8.45 -14.61
C GLN C 206 11.13 7.23 -13.92
N HIS C 207 11.54 6.03 -14.31
CA HIS C 207 10.94 4.77 -13.81
C HIS C 207 11.22 4.65 -12.29
N GLN C 208 12.43 5.00 -11.85
CA GLN C 208 12.83 5.01 -10.41
C GLN C 208 12.01 6.03 -9.60
N ARG C 209 11.74 7.21 -10.15
CA ARG C 209 10.91 8.24 -9.46
C ARG C 209 9.43 7.78 -9.46
N LEU C 210 8.95 7.23 -10.56
CA LEU C 210 7.56 6.70 -10.60
C LEU C 210 7.38 5.70 -9.44
N ALA C 211 8.31 4.74 -9.33
CA ALA C 211 8.32 3.67 -8.32
C ALA C 211 8.36 4.28 -6.92
N GLN C 212 9.31 5.17 -6.64
CA GLN C 212 9.43 5.84 -5.30
C GLN C 212 8.09 6.52 -4.90
N LEU C 213 7.45 7.22 -5.82
CA LEU C 213 6.18 7.90 -5.47
C LEU C 213 5.10 6.84 -5.24
N LEU C 214 4.97 5.83 -6.07
CA LEU C 214 3.83 4.88 -5.91
C LEU C 214 4.00 4.08 -4.63
N LEU C 215 5.24 3.77 -4.21
CA LEU C 215 5.54 3.03 -2.96
C LEU C 215 5.16 3.89 -1.76
N ILE C 216 5.37 5.20 -1.83
CA ILE C 216 4.89 6.11 -0.76
C ILE C 216 3.37 5.98 -0.61
N LEU C 217 2.60 5.70 -1.68
CA LEU C 217 1.12 5.50 -1.57
C LEU C 217 0.77 4.30 -0.66
N SER C 218 1.58 3.24 -0.63
CA SER C 218 1.45 2.14 0.38
C SER C 218 1.50 2.70 1.81
N HIS C 219 2.46 3.59 2.07
CA HIS C 219 2.65 4.22 3.41
C HIS C 219 1.44 5.10 3.77
N ILE C 220 0.99 5.98 2.87
CA ILE C 220 -0.26 6.79 3.05
C ILE C 220 -1.43 5.82 3.28
N ARG C 221 -1.58 4.75 2.50
CA ARG C 221 -2.65 3.75 2.79
C ARG C 221 -2.52 3.25 4.24
N HIS C 222 -1.29 2.95 4.65
CA HIS C 222 -0.92 2.42 5.98
C HIS C 222 -1.36 3.42 7.06
N MET C 223 -0.98 4.67 6.91
CA MET C 223 -1.37 5.73 7.90
C MET C 223 -2.89 5.85 7.99
N SER C 224 -3.61 5.76 6.86
CA SER C 224 -5.11 5.78 6.82
C SER C 224 -5.66 4.59 7.60
N ASN C 225 -5.19 3.39 7.31
CA ASN C 225 -5.63 2.17 8.03
C ASN C 225 -5.46 2.36 9.53
N LYS C 226 -4.26 2.75 9.96
CA LYS C 226 -3.88 2.94 11.38
C LYS C 226 -4.66 4.12 11.96
N GLY C 227 -4.91 5.15 11.16
CA GLY C 227 -5.78 6.28 11.54
C GLY C 227 -7.15 5.77 11.87
N MET C 228 -7.75 4.99 10.97
CA MET C 228 -9.13 4.47 11.10
C MET C 228 -9.21 3.51 12.31
N GLU C 229 -8.16 2.72 12.59
CA GLU C 229 -8.09 1.82 13.77
C GLU C 229 -8.20 2.65 15.06
N HIS C 230 -7.24 3.55 15.30
CA HIS C 230 -7.13 4.33 16.56
C HIS C 230 -8.40 5.15 16.79
N LEU C 231 -9.24 5.36 15.75
CA LEU C 231 -10.59 5.98 15.85
C LEU C 231 -11.58 4.97 16.48
N ALA D 1 -26.09 7.93 4.28
CA ALA D 1 -26.10 8.30 2.84
C ALA D 1 -25.77 9.79 2.65
N ILE D 2 -24.97 10.37 3.56
CA ILE D 2 -24.63 11.83 3.60
C ILE D 2 -23.68 12.10 2.43
N LEU D 3 -22.95 11.06 2.00
CA LEU D 3 -21.94 11.12 0.92
C LEU D 3 -22.67 11.03 -0.42
N HIS D 4 -23.67 10.14 -0.50
CA HIS D 4 -24.64 10.00 -1.61
C HIS D 4 -25.26 11.38 -1.92
N ARG D 5 -25.75 12.08 -0.89
CA ARG D 5 -26.54 13.33 -0.98
C ARG D 5 -25.72 14.46 -1.62
N LEU D 6 -24.40 14.50 -1.38
CA LEU D 6 -23.51 15.62 -1.82
C LEU D 6 -23.04 15.38 -3.26
N LEU D 7 -23.14 14.15 -3.77
CA LEU D 7 -22.89 13.82 -5.22
C LEU D 7 -24.19 13.95 -6.03
N GLN D 8 -25.24 13.19 -5.68
CA GLN D 8 -26.58 13.19 -6.33
C GLN D 8 -27.15 14.61 -6.37
C1 PEG E . -0.60 -17.94 4.98
O1 PEG E . 0.29 -18.12 3.85
C2 PEG E . -1.39 -16.66 4.86
O2 PEG E . -2.45 -16.59 5.84
C3 PEG E . -3.35 -15.52 5.56
C4 PEG E . -4.22 -15.20 6.77
O4 PEG E . -5.46 -14.60 6.41
CAD IX0 F . -17.43 12.39 10.92
CAC IX0 F . -16.05 12.19 11.59
CAG IX0 F . -15.90 11.12 12.68
CAB IX0 F . -14.87 13.09 11.16
CAA IX0 F . -13.43 13.01 11.78
OAE IX0 F . -13.07 12.24 12.67
NAF IX0 F . -12.61 13.91 11.29
CAH IX0 F . -11.32 13.93 11.53
CAM IX0 F . -10.58 13.71 10.36
CAL IX0 F . -9.19 13.74 10.34
CAI IX0 F . -10.66 14.18 12.75
CAJ IX0 F . -9.27 14.21 12.72
CAK IX0 F . -8.54 14.01 11.53
CAO IX0 F . -7.23 13.97 11.51
CAP IX0 F . -6.31 14.40 10.62
CBK IX0 F . -6.37 15.22 9.57
CBL IX0 F . -7.31 16.23 9.44
CBM IX0 F . -7.28 17.09 8.34
CBN IX0 F . -6.31 16.94 7.38
OBQ IX0 F . -6.27 17.76 6.32
CBO IX0 F . -5.37 15.93 7.48
CBP IX0 F . -5.38 15.12 8.58
CAQ IX0 F . -5.06 13.86 11.08
CAR IX0 F . -4.98 12.42 10.67
OAT IX0 F . -5.26 13.67 12.49
CAN IX0 F . -6.55 13.08 12.33
CAS IX0 F . -6.22 11.93 11.44
SAU IX0 F . -5.62 10.49 12.51
OAV IX0 F . -4.37 10.90 13.32
OAW IX0 F . -5.31 9.39 11.49
NAX IX0 F . -6.78 9.89 13.46
CAY IX0 F . -6.28 9.11 14.57
CAZ IX0 F . -7.05 9.36 15.86
FBB IX0 F . -7.02 10.66 16.23
FBC IX0 F . -6.47 8.69 16.71
FBA IX0 F . -8.34 8.94 15.72
CBD IX0 F . -8.02 9.91 12.98
CBE IX0 F . -8.97 10.85 13.38
CBF IX0 F . -10.25 10.80 12.83
CBG IX0 F . -10.59 9.83 11.87
OBJ IX0 F . -11.84 9.79 11.32
CBH IX0 F . -9.67 8.92 11.47
CBI IX0 F . -8.39 8.96 12.03
S SO4 G . -0.34 22.80 -6.06
O1 SO4 G . 0.10 22.94 -7.42
O2 SO4 G . 0.29 21.67 -5.46
O3 SO4 G . -1.77 22.61 -6.01
O4 SO4 G . 0.03 23.98 -5.32
#